data_7SRQ
#
_entry.id   7SRQ
#
_cell.length_a   1.00
_cell.length_b   1.00
_cell.length_c   1.00
_cell.angle_alpha   90.00
_cell.angle_beta   90.00
_cell.angle_gamma   90.00
#
_symmetry.space_group_name_H-M   'P 1'
#
loop_
_entity.id
_entity.type
_entity.pdbx_description
1 polymer '5-hydroxytryptamine receptor 2B'
2 non-polymer 2-acetamido-2-deoxy-beta-D-glucopyranose
3 non-polymer (8alpha)-N,N-diethyl-6-methyl-9,10-didehydroergoline-8-carboxamide
#
_entity_poly.entity_id   1
_entity_poly.type   'polypeptide(L)'
_entity_poly.pdbx_seq_one_letter_code
;TESIPEEMKQIVEEQGNKLHWAALLILMVIIPTIGGNTLVILAVSLEKKLQYATNYFLMSLAVADLLVGLFVMPIALLTI
MFEAMWPLPLVLCPAWLFLDVLFSTASIWHLCAISVDRYIAIKKPIQANQYNSRATAFIKITVVWLISIGIAIPVPIKGI
ETDVDNPNNITCVLTKERFGDFMLFGSLAAFFTPLAIMIVTYFLTIHALQKVRLLSGSRQTISNEQRASKVLGIVFFLFL
LMWCPFFITNITLVLCDSCNQTTLQMLLEIFVWIGYVSSGVNPLVYTLFNKTFRDAFGRYITCNYRATKSV
;
_entity_poly.pdbx_strand_id   R
#
# COMPACT_ATOMS: atom_id res chain seq x y z
N TRP A 21 -3.03 -26.51 -3.74
CA TRP A 21 -1.71 -26.01 -4.12
C TRP A 21 -1.38 -24.75 -3.33
N ALA A 22 -0.52 -23.91 -3.90
CA ALA A 22 -0.17 -22.65 -3.25
C ALA A 22 -1.33 -21.68 -3.26
N ALA A 23 -2.29 -21.87 -4.18
CA ALA A 23 -3.43 -20.97 -4.27
C ALA A 23 -4.28 -21.01 -3.00
N LEU A 24 -4.46 -22.20 -2.43
CA LEU A 24 -5.24 -22.32 -1.20
C LEU A 24 -4.57 -21.58 -0.05
N LEU A 25 -3.25 -21.74 0.09
CA LEU A 25 -2.53 -21.01 1.14
C LEU A 25 -2.60 -19.51 0.91
N ILE A 26 -2.45 -19.07 -0.34
CA ILE A 26 -2.54 -17.65 -0.64
C ILE A 26 -3.92 -17.11 -0.27
N LEU A 27 -4.98 -17.84 -0.61
CA LEU A 27 -6.33 -17.39 -0.27
C LEU A 27 -6.52 -17.35 1.25
N MET A 28 -5.98 -18.34 1.95
CA MET A 28 -6.04 -18.36 3.41
C MET A 28 -5.23 -17.21 4.02
N VAL A 29 -4.28 -16.63 3.28
CA VAL A 29 -3.60 -15.41 3.73
C VAL A 29 -4.35 -14.14 3.32
N ILE A 30 -5.08 -14.16 2.21
CA ILE A 30 -5.93 -13.02 1.85
C ILE A 30 -7.10 -12.84 2.80
N ILE A 31 -7.73 -13.92 3.26
CA ILE A 31 -8.88 -13.79 4.16
C ILE A 31 -8.58 -12.93 5.38
N PRO A 32 -7.44 -13.08 6.07
CA PRO A 32 -7.16 -12.17 7.19
C PRO A 32 -7.09 -10.71 6.79
N THR A 33 -6.67 -10.40 5.57
CA THR A 33 -6.60 -9.01 5.15
C THR A 33 -7.98 -8.36 5.17
N ILE A 34 -9.00 -9.06 4.67
CA ILE A 34 -10.35 -8.55 4.74
C ILE A 34 -10.84 -8.56 6.19
N GLY A 35 -10.53 -9.63 6.93
CA GLY A 35 -11.07 -9.74 8.29
C GLY A 35 -10.57 -8.66 9.23
N GLY A 36 -9.27 -8.40 9.21
CA GLY A 36 -8.70 -7.47 10.19
C GLY A 36 -9.21 -6.05 10.00
N ASN A 37 -9.26 -5.58 8.75
CA ASN A 37 -9.71 -4.22 8.49
C ASN A 37 -11.17 -4.03 8.88
N THR A 38 -12.03 -5.00 8.59
CA THR A 38 -13.43 -4.87 8.96
C THR A 38 -13.61 -4.95 10.47
N LEU A 39 -12.77 -5.75 11.14
CA LEU A 39 -12.77 -5.74 12.61
C LEU A 39 -12.37 -4.39 13.16
N VAL A 40 -11.35 -3.77 12.58
CA VAL A 40 -10.91 -2.46 13.07
C VAL A 40 -11.99 -1.40 12.85
N ILE A 41 -12.60 -1.39 11.66
CA ILE A 41 -13.62 -0.39 11.40
C ILE A 41 -14.86 -0.63 12.26
N LEU A 42 -15.19 -1.90 12.53
CA LEU A 42 -16.30 -2.20 13.43
C LEU A 42 -16.00 -1.75 14.85
N ALA A 43 -14.75 -1.93 15.29
CA ALA A 43 -14.37 -1.46 16.62
C ALA A 43 -14.50 0.06 16.72
N VAL A 44 -14.07 0.77 15.67
CA VAL A 44 -14.15 2.23 15.70
C VAL A 44 -15.60 2.69 15.67
N SER A 45 -16.43 2.07 14.83
CA SER A 45 -17.81 2.55 14.65
C SER A 45 -18.72 2.14 15.81
N LEU A 46 -18.47 0.98 16.41
CA LEU A 46 -19.41 0.45 17.40
C LEU A 46 -19.31 1.20 18.73
N GLU A 47 -18.09 1.49 19.19
CA GLU A 47 -17.88 2.04 20.52
C GLU A 47 -17.71 3.54 20.47
N LYS A 48 -17.87 4.17 21.63
CA LYS A 48 -17.74 5.61 21.76
C LYS A 48 -16.56 6.05 22.64
N LYS A 49 -15.95 5.13 23.39
CA LYS A 49 -14.79 5.50 24.20
C LYS A 49 -13.52 5.60 23.37
N LEU A 50 -13.54 5.12 22.13
CA LEU A 50 -12.40 5.19 21.23
C LEU A 50 -12.59 6.21 20.12
N GLN A 51 -13.33 7.28 20.39
CA GLN A 51 -13.73 8.24 19.37
C GLN A 51 -12.77 9.42 19.21
N TYR A 52 -11.61 9.39 19.86
CA TYR A 52 -10.66 10.49 19.73
C TYR A 52 -10.14 10.56 18.30
N ALA A 53 -9.75 11.76 17.89
CA ALA A 53 -9.55 12.05 16.46
C ALA A 53 -8.41 11.25 15.85
N THR A 54 -7.43 10.79 16.64
CA THR A 54 -6.30 10.07 16.05
C THR A 54 -6.73 8.73 15.47
N ASN A 55 -7.84 8.17 15.97
CA ASN A 55 -8.33 6.91 15.44
C ASN A 55 -9.00 7.10 14.08
N TYR A 56 -9.51 8.32 13.83
CA TYR A 56 -10.12 8.61 12.54
C TYR A 56 -9.08 8.46 11.42
N PHE A 57 -7.82 8.75 11.72
CA PHE A 57 -6.77 8.58 10.72
C PHE A 57 -6.46 7.11 10.49
N LEU A 58 -6.50 6.30 11.55
CA LEU A 58 -6.34 4.85 11.40
C LEU A 58 -7.47 4.25 10.57
N MET A 59 -8.65 4.85 10.63
CA MET A 59 -9.76 4.41 9.77
C MET A 59 -9.36 4.45 8.30
N SER A 60 -8.54 5.43 7.91
CA SER A 60 -8.09 5.51 6.52
C SER A 60 -7.24 4.31 6.13
N LEU A 61 -6.29 3.93 6.99
CA LEU A 61 -5.52 2.72 6.76
C LEU A 61 -6.43 1.50 6.67
N ALA A 62 -7.40 1.41 7.58
CA ALA A 62 -8.29 0.26 7.57
C ALA A 62 -9.04 0.14 6.25
N VAL A 63 -9.64 1.25 5.78
CA VAL A 63 -10.45 1.18 4.57
C VAL A 63 -9.57 0.94 3.36
N ALA A 64 -8.38 1.56 3.32
CA ALA A 64 -7.48 1.36 2.18
C ALA A 64 -7.02 -0.08 2.08
N ASP A 65 -6.58 -0.67 3.19
CA ASP A 65 -6.14 -2.06 3.17
C ASP A 65 -7.29 -3.00 2.86
N LEU A 66 -8.49 -2.70 3.38
CA LEU A 66 -9.65 -3.53 3.05
C LEU A 66 -9.92 -3.51 1.55
N LEU A 67 -9.88 -2.32 0.93
CA LEU A 67 -10.10 -2.24 -0.51
C LEU A 67 -9.03 -2.99 -1.28
N VAL A 68 -7.76 -2.86 -0.85
CA VAL A 68 -6.67 -3.56 -1.52
C VAL A 68 -6.91 -5.06 -1.49
N GLY A 69 -7.18 -5.60 -0.30
CA GLY A 69 -7.40 -7.04 -0.19
C GLY A 69 -8.64 -7.50 -0.93
N LEU A 70 -9.68 -6.67 -0.96
CA LEU A 70 -10.93 -7.07 -1.61
C LEU A 70 -10.78 -7.11 -3.12
N PHE A 71 -10.02 -6.17 -3.70
CA PHE A 71 -10.01 -6.01 -5.15
C PHE A 71 -8.71 -6.47 -5.80
N VAL A 72 -7.56 -5.94 -5.37
CA VAL A 72 -6.33 -6.11 -6.14
C VAL A 72 -5.84 -7.56 -6.05
N MET A 73 -5.85 -8.13 -4.84
CA MET A 73 -5.23 -9.44 -4.60
C MET A 73 -5.88 -10.58 -5.38
N PRO A 74 -7.22 -10.70 -5.41
CA PRO A 74 -7.82 -11.79 -6.20
C PRO A 74 -7.44 -11.75 -7.68
N ILE A 75 -7.36 -10.55 -8.25
CA ILE A 75 -6.99 -10.44 -9.66
C ILE A 75 -5.57 -10.95 -9.87
N ALA A 76 -4.67 -10.62 -8.94
CA ALA A 76 -3.31 -11.15 -9.01
C ALA A 76 -3.31 -12.68 -8.89
N LEU A 77 -4.15 -13.23 -8.01
CA LEU A 77 -4.20 -14.67 -7.86
C LEU A 77 -4.65 -15.35 -9.15
N LEU A 78 -5.70 -14.82 -9.79
CA LEU A 78 -6.13 -15.39 -11.06
C LEU A 78 -5.10 -15.18 -12.16
N THR A 79 -4.36 -14.07 -12.12
CA THR A 79 -3.29 -13.85 -13.08
C THR A 79 -2.18 -14.89 -12.90
N ILE A 80 -1.96 -15.31 -11.65
CA ILE A 80 -1.01 -16.40 -11.40
C ILE A 80 -1.58 -17.72 -11.93
N MET A 81 -2.87 -17.97 -11.67
CA MET A 81 -3.47 -19.24 -12.08
C MET A 81 -3.50 -19.39 -13.60
N PHE A 82 -4.04 -18.40 -14.29
CA PHE A 82 -4.07 -18.38 -15.76
C PHE A 82 -2.84 -17.62 -16.22
N GLU A 83 -1.97 -18.29 -16.98
CA GLU A 83 -0.61 -17.81 -17.15
C GLU A 83 -0.55 -16.52 -17.95
N ALA A 84 -0.45 -15.39 -17.25
CA ALA A 84 -0.25 -14.07 -17.86
C ALA A 84 -1.36 -13.72 -18.85
N MET A 85 -2.52 -14.37 -18.70
CA MET A 85 -3.65 -14.17 -19.60
C MET A 85 -4.72 -13.39 -18.87
N TRP A 86 -5.20 -12.31 -19.49
CA TRP A 86 -6.24 -11.50 -18.88
C TRP A 86 -7.59 -12.20 -19.00
N PRO A 87 -8.27 -12.50 -17.89
CA PRO A 87 -9.60 -13.10 -17.97
C PRO A 87 -10.76 -12.11 -18.01
N LEU A 88 -10.49 -10.83 -18.26
CA LEU A 88 -11.50 -9.79 -18.23
C LEU A 88 -11.48 -9.00 -19.52
N PRO A 89 -12.47 -8.15 -19.79
CA PRO A 89 -12.42 -7.29 -20.98
C PRO A 89 -11.19 -6.39 -20.99
N LEU A 90 -10.85 -5.90 -22.18
CA LEU A 90 -9.64 -5.09 -22.36
C LEU A 90 -9.71 -3.79 -21.57
N VAL A 91 -10.87 -3.12 -21.56
CA VAL A 91 -10.98 -1.81 -20.95
C VAL A 91 -10.63 -1.84 -19.47
N LEU A 92 -10.88 -2.99 -18.81
CA LEU A 92 -10.59 -3.09 -17.38
C LEU A 92 -9.10 -3.19 -17.09
N CYS A 93 -8.26 -3.46 -18.09
CA CYS A 93 -6.83 -3.61 -17.84
C CYS A 93 -6.18 -2.32 -17.32
N PRO A 94 -6.38 -1.14 -17.93
CA PRO A 94 -5.79 0.06 -17.34
C PRO A 94 -6.36 0.38 -15.97
N ALA A 95 -7.69 0.36 -15.83
CA ALA A 95 -8.33 0.78 -14.59
C ALA A 95 -7.78 0.01 -13.39
N TRP A 96 -7.72 -1.33 -13.51
CA TRP A 96 -7.13 -2.13 -12.44
C TRP A 96 -5.76 -1.61 -12.05
N LEU A 97 -4.88 -1.41 -13.04
CA LEU A 97 -3.56 -0.89 -12.76
C LEU A 97 -3.64 0.43 -12.03
N PHE A 98 -4.55 1.31 -12.47
CA PHE A 98 -4.76 2.57 -11.78
C PHE A 98 -5.04 2.34 -10.31
N LEU A 99 -5.98 1.44 -10.00
CA LEU A 99 -6.26 1.13 -8.61
C LEU A 99 -5.03 0.58 -7.90
N ASP A 100 -4.26 -0.26 -8.57
CA ASP A 100 -3.07 -0.84 -7.96
C ASP A 100 -2.09 0.25 -7.54
N VAL A 101 -2.13 1.40 -8.21
CA VAL A 101 -1.25 2.50 -7.83
C VAL A 101 -1.96 3.43 -6.85
N LEU A 102 -3.29 3.52 -6.95
CA LEU A 102 -4.02 4.50 -6.15
C LEU A 102 -4.00 4.14 -4.67
N PHE A 103 -4.27 2.88 -4.35
CA PHE A 103 -4.43 2.50 -2.95
C PHE A 103 -3.09 2.25 -2.28
N SER A 104 -2.21 1.46 -2.91
CA SER A 104 -0.94 1.12 -2.29
C SER A 104 -0.15 2.36 -1.90
N THR A 105 0.02 3.29 -2.84
CA THR A 105 0.69 4.56 -2.53
C THR A 105 -0.02 5.27 -1.38
N ALA A 106 -1.36 5.30 -1.43
CA ALA A 106 -2.12 5.96 -0.38
C ALA A 106 -1.80 5.39 0.99
N SER A 107 -1.46 4.10 1.04
CA SER A 107 -1.06 3.51 2.31
C SER A 107 0.23 4.15 2.83
N ILE A 108 1.27 4.18 1.99
CA ILE A 108 2.60 4.52 2.47
C ILE A 108 2.61 5.94 3.06
N TRP A 109 2.08 6.90 2.31
CA TRP A 109 2.07 8.28 2.79
C TRP A 109 1.37 8.39 4.14
N HIS A 110 0.32 7.60 4.37
CA HIS A 110 -0.37 7.64 5.66
C HIS A 110 0.62 7.41 6.80
N LEU A 111 1.48 6.40 6.66
CA LEU A 111 2.45 6.12 7.71
C LEU A 111 3.29 7.36 8.00
N CYS A 112 3.72 8.06 6.94
CA CYS A 112 4.51 9.27 7.12
C CYS A 112 3.79 10.26 8.04
N ALA A 113 2.49 10.46 7.80
CA ALA A 113 1.73 11.39 8.63
C ALA A 113 1.84 11.03 10.10
N ILE A 114 1.73 9.73 10.41
CA ILE A 114 1.83 9.30 11.80
C ILE A 114 3.13 9.80 12.40
N SER A 115 4.25 9.59 11.70
CA SER A 115 5.53 10.08 12.19
C SER A 115 5.45 11.57 12.48
N VAL A 116 4.96 12.35 11.51
CA VAL A 116 4.84 13.79 11.70
C VAL A 116 4.01 14.07 12.95
N ASP A 117 2.89 13.37 13.09
CA ASP A 117 2.04 13.57 14.26
C ASP A 117 2.85 13.43 15.54
N ARG A 118 3.59 12.33 15.66
CA ARG A 118 4.36 12.13 16.89
C ARG A 118 5.36 13.25 17.07
N TYR A 119 6.02 13.68 15.99
CA TYR A 119 6.93 14.81 16.10
C TYR A 119 6.23 16.00 16.72
N ILE A 120 5.06 16.36 16.18
CA ILE A 120 4.33 17.51 16.71
C ILE A 120 4.04 17.29 18.19
N ALA A 121 3.62 16.06 18.53
CA ALA A 121 3.33 15.75 19.93
C ALA A 121 4.55 15.99 20.79
N ILE A 122 5.73 15.54 20.34
CA ILE A 122 6.94 15.71 21.12
C ILE A 122 7.24 17.18 21.32
N LYS A 123 6.90 18.01 20.33
CA LYS A 123 7.15 19.43 20.47
C LYS A 123 5.87 20.18 20.86
N LYS A 124 4.79 19.45 21.18
CA LYS A 124 3.51 20.09 21.48
C LYS A 124 3.52 20.81 22.83
N PRO A 125 3.80 20.12 23.95
CA PRO A 125 3.68 20.86 25.20
C PRO A 125 4.92 21.69 25.51
N SER A 133 -8.29 18.79 16.56
CA SER A 133 -9.69 18.95 16.14
C SER A 133 -10.01 18.07 14.94
N ARG A 134 -11.30 17.90 14.65
CA ARG A 134 -11.71 17.04 13.55
C ARG A 134 -11.35 17.66 12.20
N ALA A 135 -11.41 19.00 12.10
CA ALA A 135 -11.13 19.66 10.84
C ALA A 135 -9.71 19.39 10.37
N THR A 136 -8.74 19.42 11.28
CA THR A 136 -7.36 19.15 10.90
C THR A 136 -7.21 17.73 10.38
N ALA A 137 -7.85 16.76 11.04
CA ALA A 137 -7.76 15.38 10.59
C ALA A 137 -8.38 15.19 9.22
N PHE A 138 -9.55 15.79 8.99
CA PHE A 138 -10.18 15.69 7.67
C PHE A 138 -9.31 16.33 6.61
N ILE A 139 -8.72 17.49 6.91
CA ILE A 139 -7.83 18.15 5.96
C ILE A 139 -6.64 17.26 5.63
N LYS A 140 -6.03 16.65 6.65
CA LYS A 140 -4.89 15.77 6.42
C LYS A 140 -5.27 14.59 5.55
N ILE A 141 -6.40 13.94 5.84
CA ILE A 141 -6.83 12.79 5.04
C ILE A 141 -7.07 13.19 3.60
N THR A 142 -7.75 14.33 3.39
CA THR A 142 -8.02 14.79 2.04
C THR A 142 -6.73 15.08 1.29
N VAL A 143 -5.77 15.74 1.95
CA VAL A 143 -4.51 16.06 1.27
C VAL A 143 -3.78 14.79 0.87
N VAL A 144 -3.74 13.80 1.77
CA VAL A 144 -3.07 12.53 1.44
C VAL A 144 -3.73 11.88 0.24
N TRP A 145 -5.07 11.87 0.21
CA TRP A 145 -5.76 11.19 -0.87
C TRP A 145 -5.59 11.93 -2.20
N LEU A 146 -5.58 13.27 -2.17
CA LEU A 146 -5.31 14.00 -3.41
C LEU A 146 -3.90 13.75 -3.91
N ILE A 147 -2.93 13.65 -3.00
CA ILE A 147 -1.57 13.30 -3.43
C ILE A 147 -1.56 11.94 -4.11
N SER A 148 -2.26 10.97 -3.51
CA SER A 148 -2.31 9.63 -4.10
C SER A 148 -2.97 9.66 -5.48
N ILE A 149 -4.06 10.40 -5.62
CA ILE A 149 -4.74 10.50 -6.91
C ILE A 149 -3.84 11.15 -7.96
N GLY A 150 -3.11 12.20 -7.56
CA GLY A 150 -2.20 12.85 -8.48
C GLY A 150 -1.09 11.93 -8.93
N ILE A 151 -0.57 11.10 -8.03
CA ILE A 151 0.47 10.14 -8.42
C ILE A 151 -0.12 9.08 -9.33
N ALA A 152 -1.36 8.66 -9.10
CA ALA A 152 -1.91 7.52 -9.82
C ALA A 152 -2.47 7.91 -11.19
N ILE A 153 -2.84 9.17 -11.38
CA ILE A 153 -3.57 9.57 -12.58
C ILE A 153 -2.76 9.50 -13.87
N PRO A 154 -1.41 9.53 -13.87
CA PRO A 154 -0.71 9.37 -15.17
C PRO A 154 -1.01 8.06 -15.89
N VAL A 155 -1.41 7.02 -15.17
CA VAL A 155 -1.56 5.70 -15.81
C VAL A 155 -2.74 5.65 -16.79
N PRO A 156 -3.98 5.96 -16.39
CA PRO A 156 -5.10 5.72 -17.32
C PRO A 156 -5.04 6.56 -18.59
N ILE A 157 -4.52 7.79 -18.53
CA ILE A 157 -4.54 8.67 -19.69
C ILE A 157 -3.66 8.12 -20.80
N LYS A 158 -2.48 7.63 -20.46
CA LYS A 158 -1.58 6.99 -21.42
C LYS A 158 -1.77 5.48 -21.30
N GLY A 159 -2.59 4.92 -22.18
CA GLY A 159 -3.01 3.54 -22.07
C GLY A 159 -1.95 2.55 -22.53
N ILE A 160 -2.31 1.28 -22.48
CA ILE A 160 -1.41 0.20 -22.87
C ILE A 160 -1.42 0.06 -24.39
N GLU A 161 -0.42 -0.64 -24.91
CA GLU A 161 -0.27 -0.91 -26.33
C GLU A 161 -0.13 -2.40 -26.56
N THR A 162 -0.93 -2.94 -27.49
CA THR A 162 -0.93 -4.36 -27.79
C THR A 162 -1.02 -4.57 -29.30
N ASP A 163 -0.55 -5.73 -29.75
CA ASP A 163 -0.61 -6.08 -31.16
C ASP A 163 -1.90 -6.79 -31.56
N VAL A 164 -2.68 -7.26 -30.60
CA VAL A 164 -3.93 -7.95 -30.87
C VAL A 164 -5.02 -7.37 -29.99
N ASP A 165 -6.27 -7.59 -30.39
CA ASP A 165 -7.44 -7.08 -29.68
C ASP A 165 -8.11 -8.12 -28.80
N ASN A 166 -7.55 -9.31 -28.70
CA ASN A 166 -8.17 -10.39 -27.93
C ASN A 166 -7.59 -10.40 -26.52
N PRO A 167 -8.41 -10.23 -25.47
CA PRO A 167 -7.86 -10.26 -24.11
C PRO A 167 -7.25 -11.61 -23.73
N ASN A 168 -7.63 -12.69 -24.42
CA ASN A 168 -7.14 -14.01 -24.07
C ASN A 168 -5.73 -14.25 -24.61
N ASN A 169 -5.17 -13.28 -25.33
CA ASN A 169 -3.85 -13.41 -25.92
C ASN A 169 -2.87 -12.34 -25.43
N ILE A 170 -3.21 -11.62 -24.37
CA ILE A 170 -2.41 -10.49 -23.92
C ILE A 170 -2.05 -10.65 -22.45
N THR A 171 -1.09 -9.84 -22.02
CA THR A 171 -0.63 -9.79 -20.64
C THR A 171 -0.68 -8.34 -20.16
N CYS A 172 -1.23 -8.13 -18.97
CA CYS A 172 -1.43 -6.79 -18.42
C CYS A 172 -0.27 -6.44 -17.52
N VAL A 173 0.81 -5.92 -18.11
CA VAL A 173 2.01 -5.52 -17.36
C VAL A 173 2.50 -4.20 -17.92
N LEU A 174 2.94 -3.31 -17.03
CA LEU A 174 3.56 -2.05 -17.43
C LEU A 174 4.91 -2.34 -18.08
N THR A 175 5.14 -1.75 -19.24
CA THR A 175 6.34 -2.00 -20.02
C THR A 175 7.34 -0.86 -19.81
N LYS A 176 8.62 -1.20 -19.97
CA LYS A 176 9.68 -0.20 -19.83
C LYS A 176 9.61 0.83 -20.95
N GLU A 177 9.30 0.38 -22.17
CA GLU A 177 9.31 1.29 -23.32
C GLU A 177 8.19 2.32 -23.22
N ARG A 178 6.97 1.88 -22.91
CA ARG A 178 5.84 2.80 -22.86
C ARG A 178 5.89 3.68 -21.62
N PHE A 179 6.25 3.10 -20.47
CA PHE A 179 6.33 3.84 -19.21
C PHE A 179 7.78 3.73 -18.68
N GLY A 180 8.64 4.63 -19.14
CA GLY A 180 10.01 4.62 -18.69
C GLY A 180 10.34 5.69 -17.68
N ASP A 181 9.90 6.92 -17.94
CA ASP A 181 10.10 7.99 -16.97
C ASP A 181 9.10 7.90 -15.83
N PHE A 182 7.88 7.45 -16.13
CA PHE A 182 6.85 7.35 -15.10
C PHE A 182 7.27 6.40 -14.00
N MET A 183 7.83 5.24 -14.35
CA MET A 183 8.22 4.29 -13.32
C MET A 183 9.29 4.88 -12.40
N LEU A 184 10.30 5.53 -12.99
CA LEU A 184 11.37 6.13 -12.20
C LEU A 184 10.83 7.20 -11.25
N PHE A 185 10.06 8.15 -11.79
CA PHE A 185 9.62 9.27 -10.97
C PHE A 185 8.54 8.85 -9.97
N GLY A 186 7.70 7.89 -10.33
CA GLY A 186 6.73 7.37 -9.39
C GLY A 186 7.38 6.61 -8.25
N SER A 187 8.43 5.85 -8.55
CA SER A 187 9.16 5.17 -7.48
C SER A 187 9.86 6.18 -6.58
N LEU A 188 10.41 7.25 -7.16
CA LEU A 188 11.04 8.28 -6.33
C LEU A 188 10.02 8.98 -5.44
N ALA A 189 8.86 9.34 -6.00
CA ALA A 189 7.88 10.12 -5.25
C ALA A 189 7.15 9.27 -4.21
N ALA A 190 6.72 8.07 -4.59
CA ALA A 190 5.87 7.25 -3.74
C ALA A 190 6.60 6.57 -2.60
N PHE A 191 7.90 6.30 -2.73
CA PHE A 191 8.63 5.55 -1.73
C PHE A 191 9.75 6.35 -1.07
N PHE A 192 10.65 6.92 -1.86
CA PHE A 192 11.90 7.44 -1.29
C PHE A 192 11.68 8.77 -0.57
N THR A 193 10.76 9.60 -1.06
CA THR A 193 10.49 10.86 -0.37
C THR A 193 9.91 10.64 1.02
N PRO A 194 8.83 9.85 1.17
CA PRO A 194 8.35 9.58 2.54
C PRO A 194 9.38 8.85 3.39
N LEU A 195 10.16 7.95 2.78
CA LEU A 195 11.18 7.25 3.54
C LEU A 195 12.20 8.22 4.12
N ALA A 196 12.68 9.16 3.30
CA ALA A 196 13.64 10.14 3.79
C ALA A 196 13.00 11.04 4.85
N ILE A 197 11.72 11.40 4.65
CA ILE A 197 11.05 12.26 5.63
C ILE A 197 11.01 11.57 7.00
N MET A 198 10.64 10.29 7.03
CA MET A 198 10.56 9.61 8.32
C MET A 198 11.95 9.33 8.90
N ILE A 199 12.93 9.04 8.04
CA ILE A 199 14.30 8.86 8.53
C ILE A 199 14.78 10.13 9.22
N VAL A 200 14.44 11.28 8.66
CA VAL A 200 14.81 12.54 9.29
C VAL A 200 14.06 12.75 10.60
N THR A 201 12.75 12.52 10.58
CA THR A 201 11.93 12.89 11.74
C THR A 201 12.19 11.96 12.92
N TYR A 202 12.58 10.71 12.66
CA TYR A 202 12.93 9.80 13.75
C TYR A 202 14.12 10.31 14.54
N PHE A 203 15.21 10.66 13.83
CA PHE A 203 16.38 11.20 14.49
C PHE A 203 16.06 12.52 15.18
N LEU A 204 15.26 13.36 14.53
CA LEU A 204 14.89 14.65 15.14
C LEU A 204 14.12 14.44 16.44
N THR A 205 13.21 13.46 16.46
CA THR A 205 12.48 13.14 17.68
C THR A 205 13.40 12.61 18.77
N ILE A 206 14.33 11.72 18.38
CA ILE A 206 15.32 11.22 19.35
C ILE A 206 16.17 12.35 19.92
N HIS A 207 16.44 13.40 19.15
CA HIS A 207 17.22 14.53 19.62
C HIS A 207 16.36 15.55 20.38
N ALA A 208 15.20 15.12 20.87
CA ALA A 208 14.33 16.00 21.66
C ALA A 208 14.31 15.57 23.12
N ALA A 228 5.64 3.31 24.17
CA ALA A 228 4.84 4.52 23.87
C ALA A 228 5.28 5.15 22.55
N SER A 229 6.59 5.44 22.41
CA SER A 229 7.12 6.07 21.18
C SER A 229 8.23 5.21 20.57
N LYS A 230 8.86 4.37 21.39
CA LYS A 230 10.02 3.57 20.89
C LYS A 230 9.53 2.21 20.38
N VAL A 231 8.93 1.38 21.25
CA VAL A 231 8.57 0.01 20.81
C VAL A 231 7.69 0.11 19.56
N LEU A 232 6.86 1.15 19.47
CA LEU A 232 5.90 1.26 18.34
C LEU A 232 6.59 1.78 17.08
N GLY A 233 7.15 3.00 17.09
CA GLY A 233 7.72 3.57 15.86
C GLY A 233 8.81 2.73 15.23
N ILE A 234 9.77 2.27 16.03
CA ILE A 234 10.87 1.43 15.51
C ILE A 234 10.29 0.25 14.76
N VAL A 235 9.42 -0.51 15.41
CA VAL A 235 8.95 -1.75 14.76
C VAL A 235 7.92 -1.43 13.68
N PHE A 236 7.14 -0.36 13.83
CA PHE A 236 6.05 -0.12 12.84
C PHE A 236 6.60 0.54 11.57
N PHE A 237 7.79 1.11 11.62
CA PHE A 237 8.43 1.68 10.40
C PHE A 237 9.33 0.65 9.72
N LEU A 238 9.83 -0.35 10.42
CA LEU A 238 10.62 -1.45 9.80
C LEU A 238 9.71 -2.31 8.91
N PHE A 239 8.42 -2.40 9.20
CA PHE A 239 7.47 -3.08 8.27
C PHE A 239 7.55 -2.43 6.89
N LEU A 240 7.65 -1.10 6.80
CA LEU A 240 7.89 -0.43 5.49
C LEU A 240 9.01 -1.10 4.72
N LEU A 241 10.17 -1.33 5.33
CA LEU A 241 11.33 -1.99 4.67
C LEU A 241 10.86 -3.08 3.73
N MET A 242 9.80 -3.80 4.08
CA MET A 242 9.36 -4.96 3.26
C MET A 242 8.86 -4.53 1.89
N TRP A 243 8.79 -3.24 1.59
CA TRP A 243 8.46 -2.75 0.24
C TRP A 243 9.74 -2.33 -0.49
N CYS A 244 10.85 -2.10 0.22
CA CYS A 244 12.07 -1.62 -0.44
C CYS A 244 12.54 -2.49 -1.60
N PRO A 245 12.60 -3.83 -1.47
CA PRO A 245 13.13 -4.64 -2.58
C PRO A 245 12.38 -4.48 -3.88
N PHE A 246 11.06 -4.22 -3.83
CA PHE A 246 10.32 -4.00 -5.06
C PHE A 246 10.81 -2.74 -5.77
N PHE A 247 10.91 -1.63 -5.05
CA PHE A 247 11.26 -0.37 -5.70
C PHE A 247 12.72 -0.35 -6.14
N ILE A 248 13.61 -0.99 -5.36
CA ILE A 248 15.01 -1.08 -5.77
C ILE A 248 15.12 -1.83 -7.09
N THR A 249 14.41 -2.96 -7.20
CA THR A 249 14.45 -3.74 -8.43
C THR A 249 13.80 -2.99 -9.59
N ASN A 250 12.73 -2.23 -9.31
CA ASN A 250 12.09 -1.45 -10.36
C ASN A 250 13.05 -0.39 -10.91
N ILE A 251 13.74 0.33 -10.02
CA ILE A 251 14.73 1.31 -10.47
C ILE A 251 15.86 0.63 -11.22
N THR A 252 16.27 -0.56 -10.77
CA THR A 252 17.32 -1.29 -11.47
C THR A 252 16.88 -1.62 -12.90
N LEU A 253 15.65 -2.09 -13.06
CA LEU A 253 15.14 -2.38 -14.40
C LEU A 253 15.07 -1.12 -15.25
N VAL A 254 14.70 0.00 -14.63
CA VAL A 254 14.64 1.27 -15.36
C VAL A 254 16.02 1.68 -15.85
N LEU A 255 17.04 1.56 -15.00
CA LEU A 255 18.34 2.15 -15.27
C LEU A 255 19.41 1.17 -15.71
N CYS A 256 19.05 -0.08 -16.05
CA CYS A 256 20.00 -1.04 -16.57
C CYS A 256 19.63 -1.40 -17.99
N ASP A 257 20.62 -1.35 -18.89
CA ASP A 257 20.44 -1.72 -20.29
C ASP A 257 21.12 -3.04 -20.64
N SER A 258 21.77 -3.69 -19.68
CA SER A 258 22.43 -4.97 -19.90
C SER A 258 21.94 -6.05 -18.95
N CYS A 259 20.77 -5.88 -18.35
CA CYS A 259 20.22 -6.82 -17.38
C CYS A 259 19.14 -7.67 -18.04
N ASN A 260 19.08 -8.94 -17.64
CA ASN A 260 18.06 -9.84 -18.17
C ASN A 260 16.69 -9.46 -17.62
N GLN A 261 15.80 -9.02 -18.52
CA GLN A 261 14.48 -8.59 -18.10
C GLN A 261 13.67 -9.75 -17.53
N THR A 262 13.79 -10.93 -18.15
CA THR A 262 13.05 -12.10 -17.67
C THR A 262 13.48 -12.48 -16.25
N THR A 263 14.77 -12.39 -15.96
CA THR A 263 15.26 -12.70 -14.61
C THR A 263 14.68 -11.75 -13.58
N LEU A 264 14.61 -10.45 -13.90
CA LEU A 264 14.14 -9.46 -12.93
C LEU A 264 12.61 -9.52 -12.79
N GLN A 265 11.92 -9.96 -13.83
CA GLN A 265 10.45 -9.99 -13.78
C GLN A 265 9.94 -10.96 -12.72
N MET A 266 10.57 -12.15 -12.64
CA MET A 266 10.16 -13.12 -11.63
C MET A 266 10.41 -12.58 -10.22
N LEU A 267 11.54 -11.91 -10.01
CA LEU A 267 11.83 -11.32 -8.71
C LEU A 267 10.79 -10.26 -8.36
N LEU A 268 10.42 -9.43 -9.34
CA LEU A 268 9.37 -8.44 -9.10
C LEU A 268 8.06 -9.09 -8.71
N GLU A 269 7.68 -10.16 -9.41
CA GLU A 269 6.43 -10.85 -9.10
C GLU A 269 6.47 -11.43 -7.70
N ILE A 270 7.61 -11.98 -7.28
CA ILE A 270 7.73 -12.52 -5.93
C ILE A 270 7.61 -11.40 -4.90
N PHE A 271 8.25 -10.26 -5.15
CA PHE A 271 8.33 -9.21 -4.13
C PHE A 271 7.01 -8.47 -3.97
N VAL A 272 6.21 -8.41 -5.04
CA VAL A 272 4.94 -7.67 -4.96
C VAL A 272 4.01 -8.32 -3.93
N TRP A 273 4.00 -9.65 -3.85
CA TRP A 273 3.16 -10.32 -2.88
C TRP A 273 3.63 -10.06 -1.45
N ILE A 274 4.94 -10.01 -1.23
CA ILE A 274 5.46 -9.63 0.10
C ILE A 274 4.99 -8.23 0.46
N GLY A 275 5.00 -7.33 -0.54
CA GLY A 275 4.47 -5.98 -0.29
C GLY A 275 3.02 -6.00 0.14
N TYR A 276 2.18 -6.77 -0.55
CA TYR A 276 0.78 -6.86 -0.14
C TYR A 276 0.63 -7.46 1.25
N VAL A 277 1.44 -8.46 1.58
CA VAL A 277 1.38 -9.05 2.91
C VAL A 277 1.69 -8.01 3.98
N SER A 278 2.74 -7.22 3.76
CA SER A 278 3.09 -6.18 4.72
C SER A 278 1.96 -5.17 4.87
N SER A 279 1.40 -4.72 3.73
CA SER A 279 0.33 -3.74 3.80
C SER A 279 -0.89 -4.27 4.55
N GLY A 280 -1.23 -5.54 4.31
CA GLY A 280 -2.36 -6.14 5.00
C GLY A 280 -2.12 -6.32 6.49
N VAL A 281 -0.90 -6.69 6.87
CA VAL A 281 -0.61 -7.03 8.26
C VAL A 281 -0.34 -5.81 9.13
N ASN A 282 0.04 -4.67 8.54
CA ASN A 282 0.38 -3.50 9.35
C ASN A 282 -0.75 -3.04 10.27
N PRO A 283 -2.00 -2.84 9.82
CA PRO A 283 -3.00 -2.26 10.72
C PRO A 283 -3.37 -3.17 11.87
N LEU A 284 -3.42 -4.49 11.66
CA LEU A 284 -3.68 -5.39 12.77
C LEU A 284 -2.56 -5.35 13.80
N VAL A 285 -1.31 -5.32 13.34
CA VAL A 285 -0.17 -5.22 14.25
C VAL A 285 -0.29 -3.94 15.08
N TYR A 286 -0.66 -2.84 14.45
CA TYR A 286 -0.84 -1.59 15.18
C TYR A 286 -1.97 -1.70 16.21
N THR A 287 -3.15 -2.15 15.79
CA THR A 287 -4.33 -2.12 16.65
C THR A 287 -4.22 -3.10 17.80
N LEU A 288 -3.43 -4.17 17.65
CA LEU A 288 -3.27 -5.11 18.75
C LEU A 288 -2.42 -4.57 19.89
N PHE A 289 -1.71 -3.45 19.69
CA PHE A 289 -0.84 -2.91 20.73
C PHE A 289 -1.65 -2.48 21.95
N ASN A 290 -2.78 -1.80 21.73
CA ASN A 290 -3.60 -1.36 22.84
C ASN A 290 -4.37 -2.53 23.44
N LYS A 291 -4.66 -2.42 24.74
CA LYS A 291 -5.45 -3.44 25.44
C LYS A 291 -6.95 -3.19 25.35
N THR A 292 -7.36 -1.93 25.24
CA THR A 292 -8.78 -1.63 25.07
C THR A 292 -9.30 -2.21 23.76
N PHE A 293 -8.50 -2.10 22.70
CA PHE A 293 -8.87 -2.71 21.43
C PHE A 293 -8.97 -4.22 21.55
N ARG A 294 -8.05 -4.85 22.26
CA ARG A 294 -8.10 -6.29 22.48
C ARG A 294 -9.32 -6.71 23.28
N ASP A 295 -9.77 -5.88 24.22
CA ASP A 295 -10.98 -6.17 25.00
C ASP A 295 -12.22 -6.01 24.11
N ALA A 296 -12.23 -4.96 23.28
CA ALA A 296 -13.36 -4.67 22.41
C ALA A 296 -13.53 -5.74 21.34
N PHE A 297 -12.42 -6.26 20.81
CA PHE A 297 -12.49 -7.21 19.71
C PHE A 297 -13.23 -8.48 20.11
N GLY A 298 -12.98 -8.98 21.33
CA GLY A 298 -13.63 -10.21 21.76
C GLY A 298 -15.11 -10.01 22.06
N ARG A 299 -15.53 -8.77 22.30
CA ARG A 299 -16.92 -8.51 22.67
C ARG A 299 -17.88 -8.89 21.54
N TYR A 300 -17.54 -8.55 20.30
CA TYR A 300 -18.41 -8.85 19.18
C TYR A 300 -17.76 -9.83 18.22
#